data_5GVA
#
_entry.id   5GVA
#
_cell.length_a   79.895
_cell.length_b   79.895
_cell.length_c   163.744
_cell.angle_alpha   90.00
_cell.angle_beta   90.00
_cell.angle_gamma   90.00
#
_symmetry.space_group_name_H-M   'P 43 21 2'
#
loop_
_entity.id
_entity.type
_entity.pdbx_description
1 polymer 'WD repeat and HMG-box DNA-binding protein 1'
2 water water
#
_entity_poly.entity_id   1
_entity_poly.type   'polypeptide(L)'
_entity_poly.pdbx_seq_one_letter_code
;MGHHHHHHHMEFGSMPATRKPMRYGHTEGHTEVCFDDSGSFIVTCGSDGDVRIWEDLDDDDPKFINVGEKAYSCALKSGK
LVTAVSNNTIQVHTFPEGVPDGILTRFTTNANHVVFNGDGTKIAAGSSDFLVKIVDVMDSSQQKTFRGHDAPVLSLSFDP
KDIFLASASCDGSVRVWQISDQTCAISWPLLQKCNDVINAKSICRLAWQPKSGKLLAIPVEKSVKLYRRESWSHQFDLSD
NFISQTLNIVTWSPCGQYLAAGSINGLIIVWNVETKDCMERVKHEKGYAICGLAWHPTCGRISYTDAEGNLGLLENVCDP
SGKTSSSKVSSRVEKDYNDLFDGD
;
_entity_poly.pdbx_strand_id   A
#
# COMPACT_ATOMS: atom_id res chain seq x y z
N MET A 15 -14.46 -20.03 13.83
CA MET A 15 -14.03 -18.98 14.74
C MET A 15 -13.59 -17.73 13.97
N PRO A 16 -14.11 -16.57 14.36
CA PRO A 16 -13.74 -15.32 13.67
C PRO A 16 -12.31 -14.91 13.98
N ALA A 17 -11.78 -14.05 13.13
CA ALA A 17 -10.46 -13.49 13.36
C ALA A 17 -10.43 -12.74 14.68
N THR A 18 -9.37 -12.94 15.45
CA THR A 18 -9.22 -12.29 16.74
C THR A 18 -8.47 -10.96 16.57
N ARG A 19 -9.05 -9.91 17.11
CA ARG A 19 -8.47 -8.56 17.04
C ARG A 19 -7.73 -8.29 18.35
N LYS A 20 -6.41 -8.37 18.29
CA LYS A 20 -5.60 -7.93 19.42
C LYS A 20 -5.84 -6.44 19.66
N PRO A 21 -5.56 -5.95 20.87
CA PRO A 21 -5.72 -4.50 21.11
C PRO A 21 -4.65 -3.71 20.37
N MET A 22 -5.09 -2.67 19.66
CA MET A 22 -4.15 -1.82 18.95
C MET A 22 -3.21 -1.14 19.92
N ARG A 23 -2.01 -0.78 19.46
CA ARG A 23 -1.04 -0.09 20.30
CA ARG A 23 -1.06 -0.09 20.29
C ARG A 23 -0.46 1.09 19.54
N TYR A 24 0.12 2.01 20.31
CA TYR A 24 0.74 3.20 19.74
C TYR A 24 1.95 2.79 18.91
N GLY A 25 2.02 3.29 17.69
CA GLY A 25 3.12 2.96 16.81
C GLY A 25 3.95 4.18 16.47
N HIS A 26 3.28 5.22 15.99
CA HIS A 26 3.93 6.44 15.55
C HIS A 26 3.10 7.63 15.97
N THR A 27 3.65 8.82 15.77
CA THR A 27 2.86 10.03 15.89
C THR A 27 1.69 9.99 14.89
N GLU A 28 0.68 10.82 15.15
CA GLU A 28 -0.46 10.91 14.26
C GLU A 28 -0.03 11.24 12.85
N GLY A 29 -0.74 10.68 11.88
CA GLY A 29 -0.45 10.92 10.49
C GLY A 29 -0.46 9.62 9.70
N HIS A 30 -0.13 9.74 8.42
CA HIS A 30 -0.13 8.57 7.57
C HIS A 30 0.91 7.57 8.06
N THR A 31 0.49 6.31 8.18
CA THR A 31 1.30 5.25 8.77
C THR A 31 1.14 4.00 7.94
N GLU A 32 2.26 3.40 7.52
N GLU A 32 2.26 3.42 7.50
CA GLU A 32 2.23 2.22 6.69
CA GLU A 32 2.24 2.23 6.67
C GLU A 32 2.76 1.02 7.47
C GLU A 32 2.76 1.03 7.45
N VAL A 33 2.42 -0.17 6.98
CA VAL A 33 2.80 -1.40 7.65
C VAL A 33 3.02 -2.48 6.62
N CYS A 34 4.00 -3.35 6.89
CA CYS A 34 4.18 -4.59 6.16
C CYS A 34 4.81 -5.60 7.12
N PHE A 35 4.90 -6.85 6.67
CA PHE A 35 5.69 -7.81 7.43
C PHE A 35 7.11 -7.82 6.85
N ASP A 36 8.07 -8.23 7.68
CA ASP A 36 9.43 -8.35 7.14
C ASP A 36 9.48 -9.55 6.21
N ASP A 37 10.67 -9.77 5.61
CA ASP A 37 10.84 -10.88 4.69
C ASP A 37 10.52 -12.23 5.34
N SER A 38 10.84 -12.39 6.62
CA SER A 38 10.64 -13.68 7.28
C SER A 38 9.20 -13.92 7.70
N GLY A 39 8.42 -12.86 7.87
CA GLY A 39 7.11 -12.96 8.48
C GLY A 39 7.11 -12.89 9.99
N SER A 40 8.29 -12.92 10.63
CA SER A 40 8.35 -12.90 12.08
C SER A 40 8.19 -11.52 12.67
N PHE A 41 8.28 -10.46 11.87
CA PHE A 41 8.22 -9.12 12.39
C PHE A 41 7.21 -8.28 11.62
N ILE A 42 6.60 -7.35 12.33
CA ILE A 42 5.78 -6.30 11.74
C ILE A 42 6.66 -5.07 11.59
N VAL A 43 6.54 -4.38 10.46
CA VAL A 43 7.38 -3.23 10.17
C VAL A 43 6.47 -2.05 9.85
N THR A 44 6.59 -0.98 10.61
CA THR A 44 5.78 0.21 10.42
C THR A 44 6.66 1.42 10.13
N CYS A 45 6.08 2.40 9.44
CA CYS A 45 6.76 3.66 9.24
C CYS A 45 5.72 4.77 9.31
N GLY A 46 6.11 5.90 9.88
CA GLY A 46 5.13 6.93 10.13
C GLY A 46 5.70 8.33 9.99
N SER A 47 4.86 9.29 10.33
CA SER A 47 5.18 10.69 10.10
C SER A 47 6.28 11.18 11.02
N ASP A 48 6.69 10.39 12.00
CA ASP A 48 7.81 10.78 12.85
C ASP A 48 9.16 10.43 12.22
N GLY A 49 9.17 9.85 11.03
CA GLY A 49 10.41 9.50 10.36
C GLY A 49 11.10 8.27 10.91
N ASP A 50 10.46 7.53 11.79
CA ASP A 50 11.02 6.27 12.22
C ASP A 50 10.37 5.11 11.49
N VAL A 51 11.16 4.07 11.26
CA VAL A 51 10.69 2.74 10.88
C VAL A 51 10.88 1.85 12.09
N ARG A 52 9.81 1.22 12.54
CA ARG A 52 9.84 0.38 13.74
C ARG A 52 9.66 -1.08 13.38
N ILE A 53 10.37 -1.95 14.10
CA ILE A 53 10.40 -3.39 13.83
C ILE A 53 9.89 -4.10 15.07
N TRP A 54 8.69 -4.70 14.97
CA TRP A 54 7.99 -5.27 16.11
C TRP A 54 7.98 -6.79 16.07
N GLU A 55 8.33 -7.43 17.19
CA GLU A 55 8.13 -8.88 17.28
C GLU A 55 6.65 -9.23 17.16
N ASP A 56 5.80 -8.45 17.80
CA ASP A 56 4.35 -8.62 17.83
C ASP A 56 3.79 -7.40 18.54
N LEU A 57 2.49 -7.41 18.80
CA LEU A 57 1.84 -6.27 19.44
C LEU A 57 2.18 -6.13 20.91
N ASP A 58 2.81 -7.13 21.51
CA ASP A 58 3.25 -7.02 22.90
C ASP A 58 4.68 -6.52 23.01
N ASP A 59 5.37 -6.35 21.88
CA ASP A 59 6.73 -5.83 21.89
C ASP A 59 6.73 -4.40 22.38
N ASP A 60 7.19 -4.17 23.60
CA ASP A 60 7.28 -2.81 24.12
C ASP A 60 8.60 -2.12 23.77
N ASP A 61 9.55 -2.83 23.18
CA ASP A 61 10.85 -2.27 22.80
C ASP A 61 11.16 -2.66 21.36
N PRO A 62 10.45 -2.09 20.40
CA PRO A 62 10.74 -2.40 18.99
C PRO A 62 12.01 -1.72 18.51
N LYS A 63 12.76 -2.43 17.67
CA LYS A 63 13.93 -1.84 17.04
CA LYS A 63 13.93 -1.83 17.05
C LYS A 63 13.49 -0.71 16.11
N PHE A 64 14.28 0.36 16.05
CA PHE A 64 13.97 1.53 15.24
CA PHE A 64 13.97 1.53 15.24
C PHE A 64 15.04 1.75 14.18
N ILE A 65 14.63 2.35 13.06
CA ILE A 65 15.56 2.91 12.08
C ILE A 65 15.10 4.34 11.84
N ASN A 66 15.98 5.30 12.14
CA ASN A 66 15.68 6.72 11.96
C ASN A 66 15.96 7.06 10.49
N VAL A 67 14.92 7.10 9.66
CA VAL A 67 15.13 7.31 8.23
C VAL A 67 15.00 8.77 7.82
N GLY A 68 14.55 9.64 8.71
CA GLY A 68 14.43 11.04 8.36
C GLY A 68 13.54 11.74 9.36
N GLU A 69 13.19 12.97 9.05
CA GLU A 69 12.35 13.76 9.90
C GLU A 69 10.89 13.36 9.76
N LYS A 70 10.53 12.92 8.58
CA LYS A 70 9.16 12.49 8.30
C LYS A 70 9.24 11.48 7.17
N ALA A 71 8.55 10.37 7.32
CA ALA A 71 8.45 9.37 6.26
C ALA A 71 7.05 9.42 5.68
N TYR A 72 6.94 9.46 4.35
CA TYR A 72 5.63 9.43 3.71
C TYR A 72 5.21 8.03 3.32
N SER A 73 6.17 7.15 3.08
CA SER A 73 5.89 5.80 2.57
C SER A 73 7.13 4.96 2.76
N CYS A 74 6.92 3.65 2.89
CA CYS A 74 8.04 2.72 2.98
C CYS A 74 7.66 1.42 2.33
N ALA A 75 8.66 0.77 1.74
CA ALA A 75 8.52 -0.55 1.13
C ALA A 75 9.72 -1.39 1.52
N LEU A 76 9.51 -2.70 1.63
CA LEU A 76 10.57 -3.58 2.13
C LEU A 76 10.55 -4.87 1.33
N LYS A 77 11.70 -5.23 0.76
CA LYS A 77 11.81 -6.51 0.06
C LYS A 77 13.25 -6.97 0.06
N SER A 78 13.46 -8.23 0.45
CA SER A 78 14.78 -8.87 0.30
C SER A 78 15.89 -8.06 0.97
N GLY A 79 15.63 -7.61 2.19
CA GLY A 79 16.67 -6.89 2.92
C GLY A 79 16.93 -5.47 2.47
N LYS A 80 16.07 -4.89 1.64
CA LYS A 80 16.20 -3.48 1.28
C LYS A 80 14.95 -2.75 1.72
N LEU A 81 15.13 -1.72 2.54
CA LEU A 81 14.06 -0.84 3.00
C LEU A 81 14.15 0.47 2.20
N VAL A 82 13.09 0.77 1.44
CA VAL A 82 13.06 1.97 0.62
C VAL A 82 12.02 2.91 1.21
N THR A 83 12.41 4.18 1.43
CA THR A 83 11.52 5.14 2.06
C THR A 83 11.44 6.42 1.24
N ALA A 84 10.27 7.03 1.28
CA ALA A 84 10.05 8.38 0.77
C ALA A 84 10.03 9.30 1.98
N VAL A 85 10.96 10.25 2.04
CA VAL A 85 11.09 11.08 3.23
C VAL A 85 11.09 12.54 2.82
N SER A 86 11.06 13.42 3.82
CA SER A 86 10.69 14.81 3.64
C SER A 86 11.81 15.70 3.08
N ASN A 87 12.95 15.14 2.68
CA ASN A 87 13.86 15.88 1.82
C ASN A 87 13.60 15.61 0.34
N ASN A 88 12.40 15.14 0.00
CA ASN A 88 11.99 14.86 -1.38
C ASN A 88 12.77 13.74 -2.04
N THR A 89 13.40 12.86 -1.27
CA THR A 89 14.16 11.79 -1.88
C THR A 89 13.45 10.45 -1.67
N ILE A 90 13.82 9.51 -2.51
CA ILE A 90 13.56 8.10 -2.34
C ILE A 90 14.91 7.46 -2.00
N GLN A 91 15.02 6.89 -0.81
CA GLN A 91 16.31 6.41 -0.32
C GLN A 91 16.23 4.93 0.04
N VAL A 92 17.40 4.33 0.27
CA VAL A 92 17.53 2.91 0.62
C VAL A 92 18.32 2.75 1.90
N HIS A 93 17.89 1.83 2.75
CA HIS A 93 18.66 1.27 3.85
C HIS A 93 18.66 -0.25 3.71
N THR A 94 19.74 -0.90 4.16
CA THR A 94 19.60 -2.34 4.30
C THR A 94 18.72 -2.63 5.51
N PHE A 95 18.19 -3.85 5.55
CA PHE A 95 17.18 -4.16 6.55
C PHE A 95 17.31 -5.60 7.03
N PRO A 96 17.19 -5.83 8.35
CA PRO A 96 16.83 -4.91 9.44
C PRO A 96 18.00 -4.11 10.00
N GLU A 97 19.21 -4.32 9.46
CA GLU A 97 20.42 -3.66 9.98
C GLU A 97 20.32 -2.14 9.92
N GLY A 98 19.64 -1.61 8.92
CA GLY A 98 19.55 -0.17 8.80
C GLY A 98 20.80 0.52 8.27
N VAL A 99 21.61 -0.16 7.47
CA VAL A 99 22.79 0.52 6.90
C VAL A 99 22.33 1.42 5.76
N PRO A 100 22.61 2.72 5.80
CA PRO A 100 22.26 3.59 4.67
C PRO A 100 22.88 3.07 3.39
N ASP A 101 22.07 3.04 2.33
CA ASP A 101 22.52 2.41 1.09
C ASP A 101 22.27 3.31 -0.11
N GLY A 102 22.05 4.60 0.11
CA GLY A 102 22.08 5.56 -0.97
C GLY A 102 20.70 6.10 -1.34
N ILE A 103 20.69 6.92 -2.38
CA ILE A 103 19.49 7.59 -2.86
C ILE A 103 19.17 7.05 -4.25
N LEU A 104 17.91 6.64 -4.44
CA LEU A 104 17.49 6.09 -5.73
C LEU A 104 17.02 7.17 -6.69
N THR A 105 16.21 8.12 -6.22
CA THR A 105 15.75 9.22 -7.07
C THR A 105 15.25 10.33 -6.18
N ARG A 106 14.88 11.46 -6.82
CA ARG A 106 14.33 12.62 -6.15
C ARG A 106 13.19 13.17 -6.99
N PHE A 107 12.32 13.92 -6.34
CA PHE A 107 11.32 14.71 -7.04
C PHE A 107 11.44 16.16 -6.57
N THR A 108 10.69 17.05 -7.24
CA THR A 108 10.69 18.45 -6.81
C THR A 108 9.80 18.67 -5.59
N THR A 109 8.94 17.71 -5.26
CA THR A 109 8.13 17.75 -4.06
C THR A 109 8.24 16.39 -3.38
N ASN A 110 7.49 16.19 -2.31
CA ASN A 110 7.52 14.90 -1.63
C ASN A 110 6.88 13.82 -2.51
N ALA A 111 7.29 12.58 -2.28
CA ALA A 111 6.63 11.43 -2.87
C ALA A 111 5.61 10.87 -1.89
N ASN A 112 4.52 10.34 -2.43
CA ASN A 112 3.43 9.91 -1.57
C ASN A 112 3.37 8.40 -1.41
N HIS A 113 4.03 7.67 -2.30
CA HIS A 113 4.00 6.22 -2.21
C HIS A 113 5.24 5.70 -2.91
N VAL A 114 5.82 4.64 -2.34
CA VAL A 114 6.87 3.91 -3.00
C VAL A 114 6.58 2.41 -2.80
N VAL A 115 6.78 1.62 -3.85
CA VAL A 115 6.51 0.19 -3.83
C VAL A 115 7.64 -0.56 -4.52
N PHE A 116 7.85 -1.79 -4.09
CA PHE A 116 8.70 -2.75 -4.81
C PHE A 116 7.87 -3.53 -5.82
N ASN A 117 8.54 -3.99 -6.89
CA ASN A 117 7.94 -4.99 -7.75
C ASN A 117 8.07 -6.37 -7.12
N GLY A 118 7.62 -7.40 -7.85
CA GLY A 118 7.46 -8.73 -7.26
C GLY A 118 8.74 -9.36 -6.77
N ASP A 119 9.83 -9.21 -7.53
CA ASP A 119 11.10 -9.82 -7.15
C ASP A 119 12.05 -8.85 -6.44
N GLY A 120 11.61 -7.63 -6.14
CA GLY A 120 12.41 -6.70 -5.38
C GLY A 120 13.55 -6.02 -6.13
N THR A 121 13.58 -6.11 -7.46
CA THR A 121 14.66 -5.48 -8.19
C THR A 121 14.35 -4.07 -8.64
N LYS A 122 13.08 -3.66 -8.58
CA LYS A 122 12.68 -2.34 -9.01
C LYS A 122 11.80 -1.71 -7.96
N ILE A 123 11.83 -0.38 -7.90
CA ILE A 123 10.87 0.36 -7.10
CA ILE A 123 10.98 0.45 -7.08
C ILE A 123 10.16 1.34 -8.01
N ALA A 124 8.94 1.70 -7.60
CA ALA A 124 8.20 2.76 -8.27
C ALA A 124 7.77 3.74 -7.21
N ALA A 125 7.83 5.03 -7.54
CA ALA A 125 7.45 6.08 -6.61
C ALA A 125 6.60 7.10 -7.34
N GLY A 126 5.65 7.68 -6.62
CA GLY A 126 4.78 8.70 -7.18
C GLY A 126 4.77 9.94 -6.31
N SER A 127 4.80 11.04 -6.97
CA SER A 127 4.91 12.32 -6.19
CA SER A 127 5.01 12.35 -6.39
C SER A 127 3.76 13.43 -6.45
N SER A 128 3.92 14.40 -5.57
CA SER A 128 3.01 15.52 -5.67
C SER A 128 3.35 16.49 -6.79
N ASP A 129 4.43 16.24 -7.54
CA ASP A 129 4.63 16.95 -8.79
C ASP A 129 4.12 16.15 -9.98
N PHE A 130 3.23 15.21 -9.69
CA PHE A 130 2.50 14.41 -10.66
C PHE A 130 3.22 13.31 -11.42
N LEU A 131 4.46 13.08 -11.09
CA LEU A 131 5.26 12.11 -11.82
C LEU A 131 5.25 10.74 -11.14
N VAL A 132 5.47 9.71 -11.95
CA VAL A 132 5.77 8.36 -11.47
C VAL A 132 7.12 7.97 -12.05
N LYS A 133 7.99 7.41 -11.22
CA LYS A 133 9.31 6.95 -11.66
C LYS A 133 9.51 5.50 -11.23
N ILE A 134 10.08 4.71 -12.12
CA ILE A 134 10.59 3.38 -11.78
C ILE A 134 12.10 3.46 -11.76
N VAL A 135 12.73 2.86 -10.75
CA VAL A 135 14.18 2.88 -10.59
C VAL A 135 14.67 1.47 -10.29
N ASP A 136 15.75 1.07 -10.96
N ASP A 136 15.74 1.05 -10.96
CA ASP A 136 16.44 -0.17 -10.61
CA ASP A 136 16.37 -0.22 -10.63
C ASP A 136 17.03 -0.06 -9.23
C ASP A 136 17.07 -0.12 -9.27
N VAL A 137 16.72 -1.02 -8.35
CA VAL A 137 17.19 -0.92 -6.96
C VAL A 137 18.71 -1.01 -6.89
N MET A 138 19.32 -1.79 -7.79
CA MET A 138 20.76 -1.98 -7.76
C MET A 138 21.51 -0.97 -8.61
N ASP A 139 20.81 -0.16 -9.41
CA ASP A 139 21.47 0.79 -10.31
C ASP A 139 20.51 1.96 -10.52
N SER A 140 20.65 2.98 -9.65
CA SER A 140 19.78 4.15 -9.72
C SER A 140 19.95 4.96 -11.00
N SER A 141 20.95 4.65 -11.82
CA SER A 141 21.04 5.32 -13.12
C SER A 141 20.01 4.79 -14.11
N GLN A 142 19.42 3.62 -13.83
CA GLN A 142 18.40 3.02 -14.67
C GLN A 142 17.04 3.47 -14.16
N GLN A 143 16.46 4.45 -14.82
CA GLN A 143 15.20 5.06 -14.37
CA GLN A 143 15.20 5.05 -14.37
C GLN A 143 14.28 5.25 -15.57
N LYS A 144 12.97 5.12 -15.33
CA LYS A 144 11.93 5.42 -16.31
CA LYS A 144 11.97 5.46 -16.33
C LYS A 144 10.93 6.35 -15.68
N THR A 145 10.50 7.38 -16.41
CA THR A 145 9.55 8.34 -15.90
C THR A 145 8.24 8.21 -16.65
N PHE A 146 7.13 8.26 -15.92
CA PHE A 146 5.79 8.08 -16.47
C PHE A 146 5.06 9.42 -16.33
N ARG A 147 4.78 10.06 -17.46
CA ARG A 147 4.22 11.40 -17.48
CA ARG A 147 4.21 11.40 -17.47
C ARG A 147 2.79 11.35 -17.99
N GLY A 148 1.90 12.08 -17.32
CA GLY A 148 0.52 12.10 -17.74
C GLY A 148 -0.46 12.54 -16.67
N HIS A 149 -0.20 12.19 -15.41
CA HIS A 149 -1.12 12.63 -14.38
C HIS A 149 -1.11 14.15 -14.28
N ASP A 150 -2.25 14.71 -13.88
CA ASP A 150 -2.44 16.16 -13.81
C ASP A 150 -2.61 16.66 -12.39
N ALA A 151 -2.34 15.82 -11.40
CA ALA A 151 -2.43 16.19 -9.99
C ALA A 151 -1.63 15.15 -9.21
N PRO A 152 -1.41 15.38 -7.90
CA PRO A 152 -0.52 14.47 -7.16
C PRO A 152 -0.88 13.01 -7.32
N VAL A 153 0.15 12.17 -7.41
CA VAL A 153 -0.03 10.72 -7.42
C VAL A 153 -0.18 10.23 -5.98
N LEU A 154 -1.21 9.43 -5.74
CA LEU A 154 -1.52 8.91 -4.41
C LEU A 154 -0.90 7.55 -4.15
N SER A 155 -1.07 6.60 -5.09
CA SER A 155 -0.76 5.20 -4.83
C SER A 155 -0.28 4.51 -6.10
N LEU A 156 0.53 3.47 -5.92
CA LEU A 156 1.08 2.67 -7.00
C LEU A 156 0.91 1.19 -6.68
N SER A 157 0.93 0.37 -7.73
CA SER A 157 1.00 -1.08 -7.54
C SER A 157 1.58 -1.74 -8.79
N PHE A 158 2.55 -2.63 -8.59
CA PHE A 158 3.20 -3.35 -9.67
C PHE A 158 2.41 -4.60 -10.08
N ASP A 159 2.24 -4.79 -11.37
CA ASP A 159 1.81 -6.07 -11.92
C ASP A 159 2.84 -7.15 -11.58
N PRO A 160 2.44 -8.27 -10.98
CA PRO A 160 3.43 -9.31 -10.63
C PRO A 160 4.13 -9.89 -11.84
N LYS A 161 3.54 -9.76 -13.02
CA LYS A 161 4.18 -10.21 -14.25
C LYS A 161 5.18 -9.21 -14.79
N ASP A 162 5.34 -8.06 -14.12
CA ASP A 162 6.31 -7.03 -14.48
C ASP A 162 6.04 -6.40 -15.83
N ILE A 163 4.81 -6.47 -16.33
CA ILE A 163 4.48 -5.80 -17.58
C ILE A 163 3.94 -4.40 -17.33
N PHE A 164 3.08 -4.25 -16.32
CA PHE A 164 2.32 -3.04 -16.08
C PHE A 164 2.57 -2.48 -14.69
N LEU A 165 2.25 -1.20 -14.56
CA LEU A 165 2.27 -0.47 -13.30
C LEU A 165 0.97 0.32 -13.22
N ALA A 166 0.26 0.23 -12.10
CA ALA A 166 -0.98 0.98 -11.92
C ALA A 166 -0.72 2.15 -10.98
N SER A 167 -1.39 3.26 -11.24
CA SER A 167 -1.26 4.44 -10.38
C SER A 167 -2.63 5.06 -10.15
N ALA A 168 -2.80 5.68 -8.99
CA ALA A 168 -4.02 6.41 -8.63
C ALA A 168 -3.64 7.83 -8.25
N SER A 169 -4.47 8.80 -8.64
CA SER A 169 -4.07 10.20 -8.55
C SER A 169 -5.21 11.08 -8.10
N CYS A 170 -4.85 12.21 -7.48
CA CYS A 170 -5.78 13.29 -7.19
C CYS A 170 -6.45 13.84 -8.44
N ASP A 171 -5.96 13.53 -9.64
CA ASP A 171 -6.62 14.02 -10.84
C ASP A 171 -7.85 13.21 -11.19
N GLY A 172 -8.24 12.27 -10.33
CA GLY A 172 -9.44 11.48 -10.51
C GLY A 172 -9.26 10.19 -11.26
N SER A 173 -8.06 9.89 -11.74
CA SER A 173 -7.87 8.73 -12.60
C SER A 173 -7.10 7.65 -11.87
N VAL A 174 -7.39 6.42 -12.25
CA VAL A 174 -6.51 5.28 -12.05
C VAL A 174 -5.99 4.91 -13.41
N ARG A 175 -4.66 4.90 -13.57
CA ARG A 175 -4.08 4.58 -14.86
C ARG A 175 -3.27 3.30 -14.75
N VAL A 176 -3.19 2.59 -15.87
CA VAL A 176 -2.26 1.48 -16.02
C VAL A 176 -1.25 1.85 -17.10
N TRP A 177 0.01 1.68 -16.78
CA TRP A 177 1.11 2.03 -17.67
C TRP A 177 1.80 0.76 -18.16
N GLN A 178 2.24 0.76 -19.41
CA GLN A 178 3.12 -0.29 -19.89
C GLN A 178 4.55 0.09 -19.52
N ILE A 179 5.22 -0.76 -18.74
CA ILE A 179 6.52 -0.36 -18.18
C ILE A 179 7.54 -0.19 -19.30
N SER A 180 7.47 -1.02 -20.35
CA SER A 180 8.57 -1.08 -21.31
C SER A 180 8.71 0.22 -22.09
N ASP A 181 7.59 0.88 -22.43
CA ASP A 181 7.66 2.13 -23.17
C ASP A 181 7.03 3.32 -22.47
N GLN A 182 6.58 3.13 -21.26
CA GLN A 182 5.99 4.19 -20.51
C GLN A 182 4.72 4.76 -21.10
N THR A 183 4.02 3.99 -21.89
CA THR A 183 2.74 4.44 -22.41
C THR A 183 1.63 4.13 -21.41
N CYS A 184 0.53 4.87 -21.52
CA CYS A 184 -0.66 4.62 -20.70
C CYS A 184 -1.59 3.69 -21.46
N ALA A 185 -1.79 2.48 -20.91
CA ALA A 185 -2.64 1.48 -21.56
C ALA A 185 -4.13 1.76 -21.35
N ILE A 186 -4.49 2.27 -20.18
CA ILE A 186 -5.88 2.59 -19.88
C ILE A 186 -5.90 3.59 -18.75
N SER A 187 -6.98 4.35 -18.66
CA SER A 187 -7.23 5.21 -17.51
C SER A 187 -8.72 5.13 -17.22
N TRP A 188 -9.08 4.89 -15.96
CA TRP A 188 -10.46 4.90 -15.53
C TRP A 188 -10.73 6.10 -14.64
N PRO A 189 -11.73 6.93 -14.93
CA PRO A 189 -11.99 8.12 -14.11
C PRO A 189 -12.81 7.80 -12.86
N LEU A 190 -12.21 7.06 -11.93
CA LEU A 190 -12.96 6.44 -10.84
C LEU A 190 -12.96 7.24 -9.56
N LEU A 191 -12.06 8.21 -9.41
CA LEU A 191 -11.83 8.86 -8.14
C LEU A 191 -12.29 10.31 -8.18
N GLN A 192 -12.53 10.87 -7.00
CA GLN A 192 -12.83 12.29 -6.92
C GLN A 192 -11.58 13.10 -7.16
N LYS A 193 -11.75 14.28 -7.76
CA LYS A 193 -10.63 15.15 -8.07
C LYS A 193 -10.34 16.09 -6.91
N CYS A 194 -9.05 16.36 -6.68
CA CYS A 194 -8.65 17.37 -5.73
C CYS A 194 -7.25 17.83 -6.10
N ASN A 195 -6.81 18.91 -5.46
CA ASN A 195 -5.54 19.52 -5.83
C ASN A 195 -4.37 19.00 -4.99
N ASP A 196 -4.62 18.65 -3.73
CA ASP A 196 -3.55 18.28 -2.81
C ASP A 196 -3.91 16.98 -2.13
N VAL A 197 -2.88 16.20 -1.80
CA VAL A 197 -3.07 14.90 -1.15
C VAL A 197 -3.87 15.04 0.14
N ILE A 198 -3.69 16.15 0.85
CA ILE A 198 -4.38 16.35 2.12
C ILE A 198 -5.89 16.43 1.92
N ASN A 199 -6.35 16.80 0.72
CA ASN A 199 -7.76 16.93 0.43
C ASN A 199 -8.39 15.65 -0.11
N ALA A 200 -7.60 14.61 -0.36
CA ALA A 200 -8.13 13.41 -0.99
C ALA A 200 -9.11 12.71 -0.05
N LYS A 201 -10.27 12.34 -0.59
CA LYS A 201 -11.25 11.58 0.18
C LYS A 201 -10.67 10.24 0.61
N SER A 202 -9.88 9.49 -0.08
CA SER A 202 -9.26 8.19 -0.14
C SER A 202 -7.89 8.36 -0.76
N ILE A 203 -6.99 7.57 -0.20
CA ILE A 203 -5.70 7.49 -0.86
C ILE A 203 -5.69 6.42 -1.94
N CYS A 204 -6.78 5.69 -2.10
CA CYS A 204 -6.95 4.64 -3.13
C CYS A 204 -5.69 3.78 -3.26
N ARG A 205 -5.36 3.08 -2.16
CA ARG A 205 -4.23 2.17 -2.16
CA ARG A 205 -4.23 2.17 -2.16
C ARG A 205 -4.66 0.86 -2.83
N LEU A 206 -4.65 0.88 -4.16
CA LEU A 206 -5.07 -0.22 -5.01
C LEU A 206 -3.99 -1.32 -5.05
N ALA A 207 -4.36 -2.49 -5.58
CA ALA A 207 -3.40 -3.59 -5.56
C ALA A 207 -3.66 -4.61 -6.66
N TRP A 208 -2.60 -4.95 -7.41
N TRP A 208 -2.60 -4.97 -7.37
CA TRP A 208 -2.66 -6.05 -8.35
CA TRP A 208 -2.66 -6.03 -8.37
C TRP A 208 -2.77 -7.38 -7.62
C TRP A 208 -2.68 -7.40 -7.70
N GLN A 209 -3.52 -8.30 -8.22
CA GLN A 209 -3.57 -9.67 -7.71
C GLN A 209 -2.19 -10.33 -7.80
N PRO A 210 -1.77 -11.05 -6.75
CA PRO A 210 -0.36 -11.45 -6.61
C PRO A 210 0.22 -12.36 -7.67
N LYS A 211 -0.49 -13.37 -8.15
CA LYS A 211 0.31 -14.39 -8.82
C LYS A 211 0.17 -14.30 -10.32
N SER A 212 -1.01 -14.65 -10.81
CA SER A 212 -1.36 -14.45 -12.21
C SER A 212 -1.43 -12.97 -12.57
N GLY A 213 -1.68 -12.10 -11.60
CA GLY A 213 -1.97 -10.72 -11.92
C GLY A 213 -3.19 -10.57 -12.80
N LYS A 214 -4.13 -11.53 -12.74
CA LYS A 214 -5.29 -11.47 -13.62
CA LYS A 214 -5.28 -11.47 -13.63
C LYS A 214 -6.16 -10.26 -13.32
N LEU A 215 -6.29 -9.89 -12.05
CA LEU A 215 -7.18 -8.82 -11.63
C LEU A 215 -6.39 -7.69 -11.00
N LEU A 216 -6.87 -6.47 -11.22
CA LEU A 216 -6.43 -5.30 -10.47
C LEU A 216 -7.59 -4.86 -9.59
N ALA A 217 -7.35 -4.75 -8.29
CA ALA A 217 -8.38 -4.39 -7.33
C ALA A 217 -8.27 -2.92 -6.96
N ILE A 218 -9.37 -2.19 -7.11
CA ILE A 218 -9.40 -0.75 -6.87
C ILE A 218 -10.50 -0.41 -5.87
N PRO A 219 -10.18 0.14 -4.70
CA PRO A 219 -11.24 0.62 -3.80
C PRO A 219 -11.87 1.89 -4.35
N VAL A 220 -13.19 1.87 -4.54
CA VAL A 220 -13.93 2.99 -5.11
C VAL A 220 -15.21 3.11 -4.31
N GLU A 221 -15.39 4.25 -3.64
CA GLU A 221 -16.53 4.49 -2.73
CA GLU A 221 -16.52 4.49 -2.72
C GLU A 221 -16.59 3.30 -1.77
N LYS A 222 -17.74 2.63 -1.65
CA LYS A 222 -17.89 1.58 -0.64
C LYS A 222 -17.62 0.19 -1.19
N SER A 223 -16.99 0.08 -2.36
CA SER A 223 -16.79 -1.22 -2.97
C SER A 223 -15.34 -1.38 -3.39
N VAL A 224 -14.94 -2.62 -3.64
CA VAL A 224 -13.70 -2.94 -4.34
C VAL A 224 -14.06 -3.34 -5.76
N LYS A 225 -13.54 -2.63 -6.75
CA LYS A 225 -13.80 -2.94 -8.15
C LYS A 225 -12.65 -3.78 -8.69
N LEU A 226 -12.99 -4.86 -9.38
CA LEU A 226 -12.00 -5.76 -9.93
C LEU A 226 -12.03 -5.65 -11.45
N TYR A 227 -10.89 -5.26 -12.04
CA TYR A 227 -10.72 -5.16 -13.48
C TYR A 227 -9.71 -6.19 -13.96
N ARG A 228 -9.93 -6.69 -15.17
CA ARG A 228 -9.10 -7.72 -15.76
C ARG A 228 -7.96 -7.11 -16.55
N ARG A 229 -6.79 -7.73 -16.45
CA ARG A 229 -5.61 -7.24 -17.18
C ARG A 229 -5.80 -7.36 -18.68
N GLU A 230 -5.09 -6.49 -19.40
CA GLU A 230 -4.98 -6.48 -20.86
CA GLU A 230 -4.98 -6.48 -20.86
C GLU A 230 -6.26 -6.02 -21.54
N SER A 231 -7.41 -6.60 -21.17
CA SER A 231 -8.65 -6.05 -21.70
C SER A 231 -9.13 -4.84 -20.91
N TRP A 232 -8.73 -4.71 -19.64
CA TRP A 232 -9.15 -3.63 -18.76
C TRP A 232 -10.66 -3.62 -18.52
N SER A 233 -11.30 -4.75 -18.67
CA SER A 233 -12.74 -4.85 -18.50
C SER A 233 -13.09 -5.00 -17.03
N HIS A 234 -14.24 -4.45 -16.64
CA HIS A 234 -14.73 -4.64 -15.30
C HIS A 234 -15.22 -6.08 -15.12
N GLN A 235 -14.75 -6.75 -14.07
CA GLN A 235 -15.16 -8.14 -13.83
C GLN A 235 -16.34 -8.21 -12.86
N PHE A 236 -16.16 -7.70 -11.66
CA PHE A 236 -17.24 -7.63 -10.68
C PHE A 236 -16.77 -6.72 -9.55
N ASP A 237 -17.69 -6.39 -8.66
CA ASP A 237 -17.38 -5.60 -7.47
C ASP A 237 -17.53 -6.48 -6.23
N LEU A 238 -16.73 -6.17 -5.20
CA LEU A 238 -16.94 -6.73 -3.86
C LEU A 238 -17.55 -5.65 -2.99
N SER A 239 -18.67 -5.97 -2.35
CA SER A 239 -19.40 -4.99 -1.56
C SER A 239 -19.88 -5.69 -0.29
N ASP A 240 -20.37 -4.89 0.65
CA ASP A 240 -20.88 -5.45 1.90
C ASP A 240 -21.77 -4.46 2.61
N ASN A 241 -22.83 -4.96 3.24
CA ASN A 241 -23.79 -4.08 3.92
C ASN A 241 -23.14 -3.31 5.06
N PHE A 242 -22.07 -3.85 5.64
CA PHE A 242 -21.40 -3.18 6.76
C PHE A 242 -20.47 -2.06 6.32
N ILE A 243 -20.16 -1.90 5.04
CA ILE A 243 -19.29 -0.80 4.62
C ILE A 243 -20.14 0.46 4.53
N SER A 244 -19.93 1.40 5.45
CA SER A 244 -20.71 2.62 5.47
C SER A 244 -19.91 3.86 5.06
N GLN A 245 -18.59 3.74 4.90
CA GLN A 245 -17.76 4.86 4.48
CA GLN A 245 -17.75 4.85 4.50
C GLN A 245 -16.72 4.35 3.49
N THR A 246 -16.14 5.29 2.75
CA THR A 246 -15.26 4.97 1.62
C THR A 246 -14.16 3.98 2.01
N LEU A 247 -13.90 3.04 1.10
CA LEU A 247 -12.76 2.15 1.22
C LEU A 247 -11.47 2.86 0.79
N ASN A 248 -10.42 2.69 1.60
CA ASN A 248 -9.17 3.43 1.47
C ASN A 248 -8.02 2.60 0.91
N ILE A 249 -8.02 1.30 1.15
CA ILE A 249 -6.84 0.48 0.89
C ILE A 249 -7.30 -0.96 0.72
N VAL A 250 -6.64 -1.69 -0.17
CA VAL A 250 -6.87 -3.12 -0.29
C VAL A 250 -5.54 -3.82 -0.31
N THR A 251 -5.56 -5.10 0.07
CA THR A 251 -4.35 -5.91 -0.07
C THR A 251 -4.78 -7.36 -0.24
N TRP A 252 -3.99 -8.10 -1.02
CA TRP A 252 -4.33 -9.48 -1.32
C TRP A 252 -3.57 -10.42 -0.40
N SER A 253 -4.17 -11.57 -0.14
CA SER A 253 -3.41 -12.68 0.42
C SER A 253 -2.34 -13.13 -0.58
N PRO A 254 -1.21 -13.66 -0.09
CA PRO A 254 -0.13 -14.00 -1.03
C PRO A 254 -0.53 -15.07 -2.04
N CYS A 255 -1.53 -15.89 -1.75
CA CYS A 255 -2.03 -16.89 -2.70
C CYS A 255 -2.97 -16.29 -3.74
N GLY A 256 -3.36 -15.03 -3.61
CA GLY A 256 -4.27 -14.41 -4.54
C GLY A 256 -5.73 -14.79 -4.36
N GLN A 257 -6.06 -15.61 -3.37
CA GLN A 257 -7.44 -16.06 -3.20
C GLN A 257 -8.30 -15.11 -2.39
N TYR A 258 -7.69 -14.34 -1.48
CA TYR A 258 -8.45 -13.47 -0.59
C TYR A 258 -8.00 -12.03 -0.78
N LEU A 259 -8.89 -11.12 -0.41
CA LEU A 259 -8.59 -9.70 -0.47
C LEU A 259 -9.14 -9.04 0.78
N ALA A 260 -8.33 -8.21 1.42
CA ALA A 260 -8.76 -7.44 2.56
C ALA A 260 -8.88 -5.98 2.15
N ALA A 261 -9.85 -5.27 2.74
CA ALA A 261 -10.00 -3.84 2.50
C ALA A 261 -10.15 -3.12 3.83
N GLY A 262 -9.66 -1.88 3.86
CA GLY A 262 -9.82 -1.01 5.02
C GLY A 262 -10.53 0.26 4.65
N SER A 263 -11.44 0.71 5.51
CA SER A 263 -12.25 1.88 5.23
CA SER A 263 -12.24 1.88 5.22
C SER A 263 -11.73 3.09 5.99
N ILE A 264 -12.17 4.28 5.56
CA ILE A 264 -11.78 5.50 6.23
C ILE A 264 -12.41 5.65 7.60
N ASN A 265 -13.32 4.77 7.99
CA ASN A 265 -13.85 4.81 9.35
C ASN A 265 -13.49 3.55 10.14
N GLY A 266 -12.39 2.88 9.77
CA GLY A 266 -11.81 1.85 10.60
C GLY A 266 -12.27 0.44 10.36
N LEU A 267 -13.13 0.20 9.39
CA LEU A 267 -13.58 -1.15 9.13
C LEU A 267 -12.53 -1.92 8.32
N ILE A 268 -12.24 -3.14 8.73
CA ILE A 268 -11.47 -4.09 7.92
C ILE A 268 -12.41 -5.22 7.53
N ILE A 269 -12.43 -5.55 6.24
CA ILE A 269 -13.27 -6.62 5.73
C ILE A 269 -12.44 -7.50 4.81
N VAL A 270 -12.70 -8.81 4.86
CA VAL A 270 -11.96 -9.80 4.08
C VAL A 270 -12.95 -10.60 3.24
N TRP A 271 -12.61 -10.82 1.97
CA TRP A 271 -13.42 -11.65 1.09
C TRP A 271 -12.59 -12.76 0.46
N ASN A 272 -13.23 -13.89 0.22
CA ASN A 272 -12.76 -14.87 -0.75
C ASN A 272 -13.11 -14.32 -2.13
N VAL A 273 -12.11 -14.07 -2.97
CA VAL A 273 -12.40 -13.38 -4.22
C VAL A 273 -13.05 -14.31 -5.25
N GLU A 274 -12.78 -15.61 -5.17
CA GLU A 274 -13.35 -16.54 -6.14
C GLU A 274 -14.85 -16.73 -5.92
N THR A 275 -15.26 -16.77 -4.65
CA THR A 275 -16.65 -17.02 -4.28
C THR A 275 -17.38 -15.77 -3.84
N LYS A 276 -16.64 -14.69 -3.59
CA LYS A 276 -17.15 -13.42 -3.06
CA LYS A 276 -17.17 -13.42 -3.07
C LYS A 276 -17.71 -13.55 -1.65
N ASP A 277 -17.51 -14.69 -1.00
CA ASP A 277 -17.94 -14.83 0.39
C ASP A 277 -17.15 -13.88 1.28
N CYS A 278 -17.85 -13.27 2.22
CA CYS A 278 -17.19 -12.47 3.25
C CYS A 278 -16.62 -13.38 4.33
N MET A 279 -15.31 -13.30 4.53
CA MET A 279 -14.61 -14.12 5.51
C MET A 279 -14.53 -13.45 6.88
N GLU A 280 -14.31 -12.13 6.94
CA GLU A 280 -14.12 -11.46 8.21
C GLU A 280 -14.61 -10.02 8.14
N ARG A 281 -14.99 -9.48 9.31
CA ARG A 281 -15.25 -8.06 9.49
C ARG A 281 -14.74 -7.68 10.86
N VAL A 282 -13.96 -6.60 10.94
CA VAL A 282 -13.40 -6.10 12.18
C VAL A 282 -13.56 -4.60 12.19
N LYS A 283 -14.20 -4.06 13.23
N LYS A 283 -14.38 -4.08 13.10
CA LYS A 283 -14.39 -2.63 13.37
CA LYS A 283 -14.74 -2.67 13.16
C LYS A 283 -13.27 -2.04 14.24
C LYS A 283 -14.14 -2.10 14.44
N HIS A 284 -12.82 -0.85 13.86
N HIS A 284 -13.42 -1.00 14.31
CA HIS A 284 -11.87 -0.10 14.68
CA HIS A 284 -12.46 -0.66 15.34
C HIS A 284 -12.62 0.52 15.85
C HIS A 284 -12.98 0.35 16.34
N GLU A 285 -12.07 0.35 17.06
N GLU A 285 -12.41 0.26 17.53
CA GLU A 285 -12.80 0.75 18.26
CA GLU A 285 -12.95 0.94 18.71
C GLU A 285 -13.09 2.25 18.29
C GLU A 285 -13.13 2.42 18.46
N LYS A 286 -12.19 3.06 17.74
CA LYS A 286 -12.28 4.51 17.66
C LYS A 286 -12.63 5.03 16.27
N GLY A 287 -12.72 4.16 15.26
CA GLY A 287 -13.19 4.60 13.95
C GLY A 287 -12.18 5.38 13.13
N TYR A 288 -10.89 5.21 13.39
CA TYR A 288 -9.87 5.90 12.60
C TYR A 288 -9.67 5.23 11.24
N ALA A 289 -9.31 6.04 10.25
CA ALA A 289 -9.10 5.55 8.90
C ALA A 289 -7.97 4.52 8.86
N ILE A 290 -8.20 3.41 8.17
CA ILE A 290 -7.13 2.44 7.92
C ILE A 290 -6.29 2.96 6.76
N CYS A 291 -5.00 3.18 7.01
CA CYS A 291 -4.11 3.63 5.94
C CYS A 291 -2.96 2.68 5.64
N GLY A 292 -2.80 1.62 6.43
CA GLY A 292 -1.84 0.58 6.11
C GLY A 292 -2.50 -0.76 6.37
N LEU A 293 -2.13 -1.74 5.56
CA LEU A 293 -2.81 -3.03 5.59
C LEU A 293 -1.94 -4.06 4.89
N ALA A 294 -1.66 -5.17 5.55
CA ALA A 294 -0.70 -6.11 4.98
C ALA A 294 -1.04 -7.52 5.42
N TRP A 295 -0.90 -8.46 4.48
CA TRP A 295 -1.16 -9.88 4.75
C TRP A 295 0.17 -10.59 5.01
N HIS A 296 0.17 -11.47 6.01
CA HIS A 296 1.38 -12.20 6.38
C HIS A 296 1.79 -13.12 5.21
N PRO A 297 3.10 -13.32 5.01
CA PRO A 297 3.54 -14.11 3.85
C PRO A 297 3.12 -15.57 3.87
N THR A 298 2.85 -16.15 5.04
CA THR A 298 2.54 -17.58 5.07
C THR A 298 1.34 -17.97 5.91
N CYS A 299 0.86 -17.16 6.84
CA CYS A 299 -0.29 -17.61 7.62
CA CYS A 299 -0.21 -17.51 7.76
C CYS A 299 -1.40 -16.56 7.58
N GLY A 300 -2.52 -16.92 8.21
CA GLY A 300 -3.70 -16.08 8.23
C GLY A 300 -3.61 -14.98 9.26
N ARG A 301 -2.84 -13.96 8.93
CA ARG A 301 -2.53 -12.87 9.84
C ARG A 301 -2.48 -11.60 9.01
N ILE A 302 -3.11 -10.53 9.50
CA ILE A 302 -3.16 -9.26 8.79
C ILE A 302 -2.77 -8.16 9.77
N SER A 303 -1.75 -7.37 9.40
CA SER A 303 -1.41 -6.21 10.21
C SER A 303 -2.01 -4.97 9.55
N TYR A 304 -2.28 -3.97 10.37
CA TYR A 304 -2.89 -2.75 9.85
C TYR A 304 -2.50 -1.57 10.71
N THR A 305 -2.51 -0.40 10.10
CA THR A 305 -2.21 0.84 10.78
C THR A 305 -3.26 1.88 10.43
N ASP A 306 -3.45 2.84 11.33
CA ASP A 306 -4.47 3.85 11.11
C ASP A 306 -3.83 5.24 11.09
N ALA A 307 -4.67 6.20 10.71
CA ALA A 307 -4.24 7.57 10.52
C ALA A 307 -3.87 8.26 11.82
N GLU A 308 -4.08 7.62 12.96
CA GLU A 308 -3.62 8.18 14.22
C GLU A 308 -2.28 7.60 14.64
N GLY A 309 -1.67 6.77 13.80
CA GLY A 309 -0.38 6.22 14.10
C GLY A 309 -0.40 4.93 14.88
N ASN A 310 -1.56 4.27 15.00
CA ASN A 310 -1.65 3.05 15.79
C ASN A 310 -1.51 1.82 14.91
N LEU A 311 -1.10 0.73 15.56
CA LEU A 311 -0.83 -0.54 14.89
C LEU A 311 -1.76 -1.61 15.45
N GLY A 312 -2.32 -2.44 14.55
CA GLY A 312 -3.16 -3.53 14.97
C GLY A 312 -2.78 -4.82 14.27
N LEU A 313 -3.39 -5.92 14.72
CA LEU A 313 -3.09 -7.22 14.16
C LEU A 313 -4.33 -8.11 14.24
N LEU A 314 -4.71 -8.70 13.11
CA LEU A 314 -5.75 -9.72 13.07
C LEU A 314 -5.10 -11.09 12.92
N GLU A 315 -5.52 -12.04 13.75
CA GLU A 315 -5.01 -13.40 13.69
C GLU A 315 -6.14 -14.39 13.42
N ASN A 316 -5.75 -15.59 12.97
CA ASN A 316 -6.69 -16.64 12.59
C ASN A 316 -7.61 -16.17 11.48
N VAL A 317 -7.08 -15.37 10.56
CA VAL A 317 -7.87 -14.89 9.45
C VAL A 317 -8.17 -16.05 8.51
N CYS A 318 -9.44 -16.18 8.11
CA CYS A 318 -9.87 -17.28 7.24
C CYS A 318 -9.54 -18.63 7.86
N ASP A 319 -9.63 -18.70 9.18
CA ASP A 319 -9.26 -19.90 9.95
C ASP A 319 -9.90 -21.17 9.42
#